data_7IAM
#
_entry.id   7IAM
#
_cell.length_a   42.568
_cell.length_b   42.568
_cell.length_c   217.077
_cell.angle_alpha   90.000
_cell.angle_beta   90.000
_cell.angle_gamma   90.000
#
_symmetry.space_group_name_H-M   'P 43 2 2'
#
loop_
_entity.id
_entity.type
_entity.pdbx_description
1 polymer 'Serine protease subunit NS2B'
2 polymer 'Serine protease NS3'
3 non-polymer 'DIMETHYL SULFOXIDE'
4 non-polymer (2M)-5-chloro-N-(2,3-dihydro-1H-isoindol-5-yl)-2-(1H-imidazol-1-yl)benzamide
5 water water
#
loop_
_entity_poly.entity_id
_entity_poly.type
_entity_poly.pdbx_seq_one_letter_code
_entity_poly.pdbx_strand_id
1 'polypeptide(L)' SMGKSVDMYIERAGDITWEKDAEVTGNSPRLDVALDESGDFSLVEE A
2 'polypeptide(L)'
;MKEVKKGETTDGVYRVMTRRLLGSTQVGVGVMQEGVFHTMWHVTKGAALRSGEGRLDPYWGDVKQDLVSYCGPWKLDAAW
DGLSEVQLLAVPPGERAKNIQTLPGIFKTKDGDIGAVALDYPAGTSGSPILDKCGRVIGLYGNGVVIKNGSYVSAITQGK
REEETPVE
;
B
#
loop_
_chem_comp.id
_chem_comp.type
_chem_comp.name
_chem_comp.formula
A1B8Z non-polymer (2M)-5-chloro-N-(2,3-dihydro-1H-isoindol-5-yl)-2-(1H-imidazol-1-yl)benzamide 'C18 H15 Cl N4 O'
DMS non-polymer 'DIMETHYL SULFOXIDE' 'C2 H6 O S'
#
# COMPACT_ATOMS: atom_id res chain seq x y z
N ASP A 7 -0.53 10.66 18.39
CA ASP A 7 0.40 9.54 18.37
C ASP A 7 -0.18 8.32 17.66
N MET A 8 0.54 7.85 16.65
CA MET A 8 0.09 6.71 15.87
C MET A 8 0.61 5.41 16.43
N TYR A 9 -0.18 4.36 16.29
CA TYR A 9 0.17 3.03 16.76
C TYR A 9 -0.22 1.96 15.74
N ILE A 10 0.44 0.79 15.80
CA ILE A 10 0.14 -0.29 14.85
C ILE A 10 -0.52 -1.49 15.56
N GLU A 11 -1.40 -2.20 14.84
CA GLU A 11 -2.08 -3.38 15.38
C GLU A 11 -2.06 -4.44 14.28
N ARG A 12 -1.68 -5.70 14.61
CA ARG A 12 -1.63 -6.76 13.60
C ARG A 12 -2.98 -7.03 12.94
N ALA A 13 -3.01 -7.25 11.62
CA ALA A 13 -4.26 -7.54 10.90
C ALA A 13 -4.25 -8.89 10.15
N GLY A 14 -3.10 -9.54 10.03
CA GLY A 14 -3.03 -10.84 9.40
C GLY A 14 -1.71 -11.22 8.76
N ASP A 15 -1.67 -12.41 8.15
CA ASP A 15 -0.50 -12.91 7.42
C ASP A 15 -0.55 -12.42 6.01
N ILE A 16 0.60 -12.38 5.34
CA ILE A 16 0.65 -12.01 3.95
C ILE A 16 0.78 -13.30 3.14
N THR A 17 -0.36 -13.78 2.63
N THR A 17 -0.35 -13.77 2.62
CA THR A 17 -0.42 -15.01 1.84
CA THR A 17 -0.42 -15.03 1.89
C THR A 17 -1.37 -14.85 0.66
C THR A 17 -1.40 -14.92 0.70
N TRP A 18 -1.07 -15.56 -0.43
CA TRP A 18 -1.96 -15.58 -1.59
C TRP A 18 -3.09 -16.56 -1.20
N GLU A 19 -4.35 -16.20 -1.47
CA GLU A 19 -5.46 -17.10 -1.17
C GLU A 19 -6.12 -17.60 -2.45
N LYS A 20 -6.13 -18.93 -2.63
CA LYS A 20 -6.76 -19.54 -3.80
C LYS A 20 -8.26 -19.37 -3.70
N ASP A 21 -8.92 -19.13 -4.83
CA ASP A 21 -10.36 -18.91 -4.90
C ASP A 21 -10.78 -17.66 -4.12
N ALA A 22 -10.03 -16.58 -4.32
CA ALA A 22 -10.38 -15.29 -3.74
C ALA A 22 -11.40 -14.62 -4.69
N GLU A 23 -12.14 -13.61 -4.20
CA GLU A 23 -13.10 -12.88 -5.01
C GLU A 23 -12.37 -12.14 -6.15
N VAL A 24 -12.60 -12.54 -7.42
CA VAL A 24 -11.95 -11.94 -8.60
C VAL A 24 -12.77 -10.76 -9.13
N THR A 25 -12.26 -9.53 -9.03
CA THR A 25 -12.99 -8.35 -9.49
C THR A 25 -12.03 -7.24 -10.00
N GLY A 26 -12.55 -6.08 -10.43
CA GLY A 26 -11.75 -4.98 -10.93
C GLY A 26 -11.36 -5.09 -12.39
N ASN A 27 -11.31 -3.94 -13.08
CA ASN A 27 -10.91 -3.91 -14.47
C ASN A 27 -9.39 -3.53 -14.61
N SER A 28 -8.86 -3.38 -15.84
CA SER A 28 -7.44 -3.08 -16.12
C SER A 28 -7.33 -1.88 -17.07
N PRO A 29 -7.56 -0.66 -16.56
CA PRO A 29 -7.54 0.51 -17.46
C PRO A 29 -6.14 0.99 -17.81
N ARG A 30 -5.96 1.51 -19.03
CA ARG A 30 -4.67 2.07 -19.44
C ARG A 30 -4.83 3.58 -19.36
N LEU A 31 -4.14 4.20 -18.41
CA LEU A 31 -4.30 5.63 -18.17
C LEU A 31 -3.01 6.38 -18.40
N ASP A 32 -3.07 7.53 -19.11
CA ASP A 32 -1.91 8.40 -19.31
C ASP A 32 -1.87 9.31 -18.09
N VAL A 33 -0.83 9.20 -17.24
CA VAL A 33 -0.76 9.99 -16.00
C VAL A 33 0.55 10.79 -15.88
N ALA A 34 0.57 11.78 -14.98
CA ALA A 34 1.75 12.58 -14.68
C ALA A 34 1.95 12.58 -13.16
N LEU A 35 3.20 12.52 -12.71
CA LEU A 35 3.51 12.49 -11.28
C LEU A 35 4.26 13.77 -10.92
N ASP A 36 3.69 14.57 -10.01
CA ASP A 36 4.33 15.81 -9.62
C ASP A 36 5.32 15.59 -8.42
N GLU A 37 6.03 16.64 -8.03
CA GLU A 37 7.03 16.63 -6.97
C GLU A 37 6.41 16.32 -5.60
N SER A 38 5.12 16.64 -5.38
CA SER A 38 4.45 16.29 -4.12
C SER A 38 3.94 14.83 -4.07
N GLY A 39 4.30 14.00 -5.03
CA GLY A 39 3.88 12.59 -5.07
C GLY A 39 2.44 12.37 -5.48
N ASP A 40 1.83 13.36 -6.14
CA ASP A 40 0.43 13.28 -6.58
C ASP A 40 0.29 13.01 -8.07
N PHE A 41 -0.48 11.98 -8.41
CA PHE A 41 -0.75 11.61 -9.79
C PHE A 41 -1.92 12.43 -10.32
N SER A 42 -1.88 12.75 -11.60
CA SER A 42 -2.97 13.46 -12.25
C SER A 42 -3.16 12.91 -13.67
N LEU A 43 -4.38 13.01 -14.21
CA LEU A 43 -4.65 12.49 -15.55
C LEU A 43 -4.15 13.44 -16.64
N VAL A 44 -3.61 12.87 -17.71
CA VAL A 44 -3.20 13.63 -18.87
C VAL A 44 -4.19 13.24 -19.97
N GLU A 45 -4.90 14.22 -20.55
CA GLU A 45 -5.87 13.92 -21.62
C GLU A 45 -5.64 14.76 -22.87
N GLY B 7 7.89 -3.62 20.44
CA GLY B 7 6.76 -4.52 20.70
C GLY B 7 6.63 -5.62 19.67
N GLU B 8 5.45 -5.73 19.00
CA GLU B 8 5.26 -6.78 18.01
C GLU B 8 6.04 -6.53 16.72
N THR B 9 6.95 -7.46 16.41
N THR B 9 6.95 -7.46 16.43
CA THR B 9 7.76 -7.35 15.20
CA THR B 9 7.81 -7.42 15.25
C THR B 9 7.57 -8.57 14.27
C THR B 9 7.57 -8.58 14.29
N THR B 10 6.55 -9.42 14.53
CA THR B 10 6.24 -10.58 13.69
C THR B 10 5.86 -10.08 12.29
N ASP B 11 6.34 -10.75 11.24
CA ASP B 11 6.01 -10.45 9.86
C ASP B 11 4.48 -10.48 9.67
N GLY B 12 3.96 -9.64 8.79
CA GLY B 12 2.53 -9.60 8.53
C GLY B 12 2.04 -8.22 8.16
N VAL B 13 0.73 -8.10 7.99
CA VAL B 13 0.09 -6.85 7.65
C VAL B 13 -0.50 -6.23 8.91
N TYR B 14 -0.39 -4.91 9.05
CA TYR B 14 -0.83 -4.21 10.26
C TYR B 14 -1.65 -2.97 9.90
N ARG B 15 -2.56 -2.57 10.80
CA ARG B 15 -3.33 -1.34 10.67
C ARG B 15 -2.52 -0.20 11.32
N VAL B 16 -2.60 1.00 10.76
CA VAL B 16 -1.99 2.20 11.32
C VAL B 16 -3.13 3.02 11.92
N MET B 17 -3.16 3.12 13.25
CA MET B 17 -4.22 3.80 13.96
C MET B 17 -3.79 5.12 14.58
N THR B 18 -4.75 5.97 14.94
CA THR B 18 -4.49 7.21 15.64
C THR B 18 -5.60 7.49 16.65
N ARG B 19 -5.23 7.99 17.83
CA ARG B 19 -6.24 8.38 18.82
C ARG B 19 -6.38 9.92 18.94
N ARG B 20 -5.75 10.69 18.02
CA ARG B 20 -5.77 12.15 18.01
C ARG B 20 -7.14 12.70 17.59
N LEU B 21 -7.82 11.99 16.67
CA LEU B 21 -9.14 12.40 16.22
C LEU B 21 -10.23 11.79 17.17
N LEU B 22 -11.51 11.73 16.73
CA LEU B 22 -12.55 11.12 17.56
C LEU B 22 -12.33 9.60 17.58
N GLY B 23 -12.53 8.97 18.75
CA GLY B 23 -12.30 7.55 18.97
C GLY B 23 -10.94 7.08 18.50
N SER B 24 -10.86 5.86 17.95
CA SER B 24 -9.61 5.35 17.38
C SER B 24 -9.91 5.21 15.90
N THR B 25 -9.14 5.92 15.07
CA THR B 25 -9.34 5.98 13.62
C THR B 25 -8.21 5.32 12.86
N GLN B 26 -8.55 4.52 11.83
CA GLN B 26 -7.54 3.90 10.99
C GLN B 26 -7.14 4.86 9.85
N VAL B 27 -5.86 5.28 9.83
CA VAL B 27 -5.39 6.19 8.79
C VAL B 27 -4.66 5.48 7.63
N GLY B 28 -4.28 4.22 7.84
CA GLY B 28 -3.57 3.44 6.85
C GLY B 28 -3.26 2.04 7.30
N VAL B 29 -2.37 1.40 6.56
CA VAL B 29 -1.96 0.00 6.68
C VAL B 29 -0.45 -0.09 6.32
N GLY B 30 0.20 -1.16 6.74
CA GLY B 30 1.60 -1.39 6.41
C GLY B 30 2.03 -2.83 6.50
N VAL B 31 3.26 -3.10 6.03
CA VAL B 31 3.86 -4.42 5.99
C VAL B 31 5.06 -4.53 6.90
N MET B 32 5.07 -5.56 7.76
CA MET B 32 6.23 -5.82 8.58
C MET B 32 6.97 -6.97 7.89
N GLN B 33 8.24 -6.74 7.53
CA GLN B 33 9.04 -7.76 6.91
C GLN B 33 10.47 -7.53 7.28
N GLU B 34 11.15 -8.58 7.78
CA GLU B 34 12.56 -8.54 8.22
C GLU B 34 12.86 -7.43 9.24
N GLY B 35 11.93 -7.19 10.16
CA GLY B 35 12.09 -6.21 11.23
C GLY B 35 11.90 -4.76 10.81
N VAL B 36 11.37 -4.54 9.59
CA VAL B 36 11.15 -3.21 9.03
C VAL B 36 9.66 -2.98 8.74
N PHE B 37 9.09 -1.84 9.17
CA PHE B 37 7.70 -1.53 8.90
C PHE B 37 7.63 -0.66 7.66
N HIS B 38 6.88 -1.07 6.67
CA HIS B 38 6.79 -0.35 5.39
C HIS B 38 5.39 0.22 5.23
N THR B 39 5.25 1.52 4.94
CA THR B 39 3.92 2.09 4.69
C THR B 39 4.04 3.22 3.63
N MET B 40 2.91 3.89 3.30
CA MET B 40 2.95 5.02 2.39
C MET B 40 3.26 6.30 3.20
N TRP B 41 3.99 7.25 2.59
CA TRP B 41 4.35 8.50 3.25
CA TRP B 41 4.35 8.49 3.24
C TRP B 41 3.14 9.26 3.75
N HIS B 42 2.09 9.39 2.91
CA HIS B 42 0.90 10.18 3.29
C HIS B 42 0.12 9.62 4.50
N VAL B 43 0.37 8.36 4.89
CA VAL B 43 -0.28 7.74 6.04
C VAL B 43 0.27 8.34 7.36
N THR B 44 1.59 8.37 7.54
CA THR B 44 2.22 8.85 8.77
C THR B 44 2.81 10.24 8.71
N LYS B 45 3.08 10.73 7.49
CA LYS B 45 3.82 11.99 7.23
C LYS B 45 5.24 11.93 7.86
N GLY B 46 5.80 10.72 7.99
CA GLY B 46 7.10 10.51 8.60
C GLY B 46 7.12 10.54 10.11
N ALA B 47 5.95 10.55 10.80
CA ALA B 47 5.93 10.57 12.26
C ALA B 47 6.34 9.23 12.88
N ALA B 48 6.78 9.23 14.16
CA ALA B 48 7.12 8.00 14.88
C ALA B 48 5.88 7.17 15.09
N LEU B 49 6.05 5.85 15.21
CA LEU B 49 4.92 4.95 15.45
C LEU B 49 5.12 4.21 16.76
N ARG B 50 4.03 3.76 17.35
CA ARG B 50 4.05 2.99 18.58
C ARG B 50 3.62 1.53 18.26
N SER B 51 4.23 0.55 18.91
CA SER B 51 3.86 -0.86 18.74
C SER B 51 3.83 -1.43 20.15
N GLY B 52 2.69 -1.29 20.83
CA GLY B 52 2.57 -1.69 22.22
C GLY B 52 3.34 -0.70 23.07
N GLU B 53 4.35 -1.18 23.82
CA GLU B 53 5.22 -0.27 24.57
C GLU B 53 6.43 0.22 23.74
N GLY B 54 6.76 -0.50 22.66
CA GLY B 54 7.88 -0.16 21.81
C GLY B 54 7.64 1.02 20.89
N ARG B 55 8.72 1.61 20.37
CA ARG B 55 8.63 2.74 19.46
C ARG B 55 9.32 2.41 18.12
N LEU B 56 8.71 2.78 17.00
CA LEU B 56 9.30 2.60 15.67
C LEU B 56 9.68 3.97 15.16
N ASP B 57 10.95 4.18 14.79
CA ASP B 57 11.40 5.47 14.26
C ASP B 57 11.59 5.39 12.75
N PRO B 58 11.29 6.49 12.03
CA PRO B 58 11.49 6.49 10.58
C PRO B 58 12.98 6.27 10.23
N TYR B 59 13.24 5.58 9.14
CA TYR B 59 14.60 5.28 8.72
C TYR B 59 14.85 5.84 7.31
N TRP B 60 13.88 5.68 6.42
CA TRP B 60 13.98 6.20 5.05
C TRP B 60 12.57 6.63 4.60
N GLY B 61 12.51 7.65 3.77
CA GLY B 61 11.24 8.11 3.22
C GLY B 61 11.41 9.07 2.09
N ASP B 62 10.39 9.16 1.24
CA ASP B 62 10.41 10.02 0.07
C ASP B 62 8.97 10.39 -0.29
N VAL B 63 8.67 11.70 -0.32
CA VAL B 63 7.32 12.24 -0.62
C VAL B 63 6.88 11.92 -2.06
N LYS B 64 7.80 11.97 -3.02
CA LYS B 64 7.45 11.73 -4.42
C LYS B 64 7.12 10.27 -4.69
N GLN B 65 7.91 9.33 -4.14
CA GLN B 65 7.61 7.91 -4.24
C GLN B 65 6.38 7.55 -3.35
N ASP B 66 6.09 8.38 -2.32
CA ASP B 66 5.03 8.23 -1.33
C ASP B 66 5.30 7.01 -0.49
N LEU B 67 6.57 6.76 -0.11
CA LEU B 67 6.90 5.58 0.71
C LEU B 67 7.72 5.97 1.93
N VAL B 68 7.69 5.11 2.97
CA VAL B 68 8.47 5.33 4.20
C VAL B 68 8.74 3.95 4.84
N SER B 69 9.93 3.76 5.41
CA SER B 69 10.31 2.55 6.13
C SER B 69 10.72 2.93 7.56
N TYR B 70 10.50 2.00 8.50
CA TYR B 70 10.78 2.20 9.93
C TYR B 70 11.70 1.10 10.43
N CYS B 71 12.67 1.45 11.30
CA CYS B 71 13.65 0.54 11.94
C CYS B 71 14.77 0.07 11.01
N GLY B 72 14.61 0.27 9.71
CA GLY B 72 15.61 -0.16 8.76
C GLY B 72 15.25 0.22 7.34
N PRO B 73 16.15 -0.08 6.40
CA PRO B 73 15.88 0.23 4.99
C PRO B 73 14.78 -0.59 4.35
N TRP B 74 14.17 -0.07 3.27
CA TRP B 74 13.09 -0.70 2.50
C TRP B 74 13.52 -2.11 2.08
N LYS B 75 12.71 -3.14 2.40
CA LYS B 75 13.07 -4.54 2.12
C LYS B 75 12.31 -5.17 0.98
N LEU B 76 11.22 -4.57 0.52
CA LEU B 76 10.35 -5.16 -0.49
C LEU B 76 10.87 -4.91 -1.89
N ASP B 77 11.17 -5.98 -2.65
CA ASP B 77 11.71 -5.80 -3.99
C ASP B 77 11.11 -6.71 -5.07
N ALA B 78 9.99 -7.39 -4.79
CA ALA B 78 9.33 -8.18 -5.83
C ALA B 78 8.63 -7.19 -6.78
N ALA B 79 8.56 -7.55 -8.07
CA ALA B 79 7.96 -6.72 -9.09
C ALA B 79 6.79 -7.43 -9.79
N TRP B 80 5.77 -6.68 -10.23
CA TRP B 80 4.66 -7.24 -11.01
C TRP B 80 5.25 -7.70 -12.36
N ASP B 81 4.92 -8.92 -12.83
CA ASP B 81 5.53 -9.42 -14.08
C ASP B 81 4.97 -8.79 -15.37
N GLY B 82 3.91 -7.98 -15.26
CA GLY B 82 3.27 -7.33 -16.40
C GLY B 82 2.25 -8.20 -17.11
N LEU B 83 1.98 -9.41 -16.59
CA LEU B 83 1.04 -10.33 -17.24
C LEU B 83 -0.02 -10.93 -16.33
N SER B 84 0.36 -11.35 -15.12
CA SER B 84 -0.53 -12.12 -14.26
C SER B 84 -1.46 -11.30 -13.36
N GLU B 85 -2.50 -11.95 -12.88
CA GLU B 85 -3.40 -11.36 -11.89
C GLU B 85 -2.63 -11.28 -10.55
N VAL B 86 -3.01 -10.32 -9.72
CA VAL B 86 -2.38 -10.10 -8.42
C VAL B 86 -3.48 -10.10 -7.33
N GLN B 87 -3.09 -10.07 -6.06
CA GLN B 87 -4.05 -9.94 -4.99
C GLN B 87 -3.81 -8.69 -4.14
N LEU B 88 -4.84 -7.89 -3.94
CA LEU B 88 -4.78 -6.77 -3.03
C LEU B 88 -5.20 -7.39 -1.69
N LEU B 89 -4.31 -7.35 -0.71
CA LEU B 89 -4.64 -7.85 0.62
C LEU B 89 -5.19 -6.62 1.32
N ALA B 90 -6.46 -6.30 1.02
CA ALA B 90 -7.12 -5.12 1.54
C ALA B 90 -7.41 -5.21 3.02
N VAL B 91 -7.03 -4.17 3.80
CA VAL B 91 -7.32 -4.10 5.23
C VAL B 91 -8.14 -2.79 5.47
N PRO B 92 -9.47 -2.83 5.24
CA PRO B 92 -10.29 -1.61 5.38
C PRO B 92 -10.60 -1.25 6.81
N PRO B 93 -10.87 0.04 7.11
CA PRO B 93 -11.16 0.42 8.50
C PRO B 93 -12.36 -0.31 9.08
N GLY B 94 -12.19 -0.83 10.30
CA GLY B 94 -13.21 -1.57 11.04
C GLY B 94 -13.58 -2.91 10.42
N GLU B 95 -12.89 -3.34 9.37
CA GLU B 95 -13.25 -4.58 8.67
C GLU B 95 -12.07 -5.56 8.61
N ARG B 96 -12.36 -6.85 8.45
CA ARG B 96 -11.37 -7.92 8.40
C ARG B 96 -10.51 -7.84 7.16
N ALA B 97 -9.22 -8.27 7.25
CA ALA B 97 -8.32 -8.35 6.10
C ALA B 97 -8.93 -9.33 5.08
N LYS B 98 -8.91 -8.97 3.80
CA LYS B 98 -9.54 -9.78 2.77
C LYS B 98 -8.75 -9.67 1.45
N ASN B 99 -8.47 -10.82 0.81
CA ASN B 99 -7.72 -10.83 -0.46
C ASN B 99 -8.68 -10.64 -1.61
N ILE B 100 -8.33 -9.75 -2.55
CA ILE B 100 -9.13 -9.48 -3.74
C ILE B 100 -8.23 -9.68 -4.95
N GLN B 101 -8.59 -10.58 -5.86
CA GLN B 101 -7.80 -10.87 -7.03
C GLN B 101 -8.22 -9.99 -8.21
N THR B 102 -7.25 -9.42 -8.94
CA THR B 102 -7.55 -8.54 -10.04
C THR B 102 -6.46 -8.57 -11.09
N LEU B 103 -6.77 -8.19 -12.34
CA LEU B 103 -5.73 -8.07 -13.34
C LEU B 103 -5.42 -6.59 -13.42
N PRO B 104 -4.18 -6.21 -13.11
CA PRO B 104 -3.82 -4.78 -13.14
C PRO B 104 -3.82 -4.15 -14.52
N GLY B 105 -4.13 -2.87 -14.53
CA GLY B 105 -4.03 -2.00 -15.68
C GLY B 105 -2.62 -1.41 -15.73
N ILE B 106 -2.47 -0.30 -16.47
CA ILE B 106 -1.19 0.38 -16.69
C ILE B 106 -1.32 1.91 -16.53
N PHE B 107 -0.37 2.51 -15.80
CA PHE B 107 -0.23 3.96 -15.70
C PHE B 107 0.92 4.26 -16.67
N LYS B 108 0.66 4.97 -17.76
CA LYS B 108 1.71 5.33 -18.70
C LYS B 108 2.27 6.68 -18.27
N THR B 109 3.57 6.75 -17.96
CA THR B 109 4.20 8.02 -17.56
C THR B 109 5.36 8.37 -18.52
N LYS B 110 5.83 9.62 -18.46
CA LYS B 110 6.97 10.08 -19.25
C LYS B 110 8.29 9.36 -18.83
N ASP B 111 8.31 8.72 -17.66
CA ASP B 111 9.45 7.99 -17.16
C ASP B 111 9.18 6.48 -17.09
N GLY B 112 8.30 5.96 -17.94
CA GLY B 112 7.99 4.54 -17.93
C GLY B 112 6.60 4.15 -17.46
N ASP B 113 6.25 2.88 -17.62
CA ASP B 113 4.93 2.37 -17.21
C ASP B 113 4.91 1.76 -15.81
N ILE B 114 3.79 1.91 -15.11
CA ILE B 114 3.62 1.35 -13.77
C ILE B 114 2.32 0.54 -13.74
N GLY B 115 2.32 -0.57 -13.03
CA GLY B 115 1.12 -1.36 -12.84
C GLY B 115 0.11 -0.58 -12.03
N ALA B 116 -1.18 -0.82 -12.24
CA ALA B 116 -2.22 -0.10 -11.53
C ALA B 116 -3.41 -1.01 -11.19
N VAL B 117 -3.93 -0.93 -9.97
CA VAL B 117 -5.06 -1.76 -9.57
CA VAL B 117 -5.03 -1.76 -9.50
C VAL B 117 -6.34 -0.93 -9.45
N ALA B 118 -7.38 -1.36 -10.19
CA ALA B 118 -8.63 -0.62 -10.20
C ALA B 118 -9.64 -1.19 -9.19
N LEU B 119 -9.37 -0.96 -7.90
CA LEU B 119 -10.25 -1.39 -6.83
C LEU B 119 -10.51 -0.15 -5.95
N ASP B 120 -11.77 0.10 -5.59
CA ASP B 120 -12.14 1.28 -4.80
C ASP B 120 -12.29 0.98 -3.31
N TYR B 121 -11.37 1.49 -2.50
CA TYR B 121 -11.40 1.29 -1.05
C TYR B 121 -11.27 2.62 -0.30
N PRO B 122 -11.73 2.70 0.97
CA PRO B 122 -11.59 3.96 1.72
C PRO B 122 -10.12 4.39 1.87
N ALA B 123 -9.89 5.70 2.00
CA ALA B 123 -8.54 6.25 2.13
C ALA B 123 -7.71 5.59 3.26
N GLY B 124 -8.40 5.12 4.31
CA GLY B 124 -7.77 4.44 5.43
C GLY B 124 -7.20 3.06 5.12
N THR B 125 -7.44 2.57 3.90
CA THR B 125 -6.89 1.30 3.40
C THR B 125 -5.47 1.51 2.78
N SER B 126 -5.00 2.79 2.62
CA SER B 126 -3.68 3.14 2.04
C SER B 126 -2.55 2.40 2.75
N GLY B 127 -1.68 1.74 1.99
CA GLY B 127 -0.59 0.95 2.54
C GLY B 127 -0.83 -0.55 2.48
N SER B 128 -2.05 -0.98 2.06
CA SER B 128 -2.37 -2.40 1.94
C SER B 128 -1.46 -3.02 0.87
N PRO B 129 -0.82 -4.16 1.18
CA PRO B 129 0.08 -4.77 0.20
C PRO B 129 -0.63 -5.45 -0.98
N ILE B 130 0.03 -5.40 -2.13
CA ILE B 130 -0.36 -6.08 -3.37
C ILE B 130 0.63 -7.23 -3.51
N LEU B 131 0.13 -8.44 -3.77
CA LEU B 131 0.92 -9.67 -3.79
C LEU B 131 0.95 -10.38 -5.14
N ASP B 132 2.03 -11.13 -5.38
CA ASP B 132 2.11 -12.02 -6.54
C ASP B 132 1.66 -13.45 -6.12
N LYS B 133 1.63 -14.41 -7.06
CA LYS B 133 1.19 -15.78 -6.78
C LYS B 133 2.01 -16.49 -5.70
N CYS B 134 3.27 -16.05 -5.48
CA CYS B 134 4.14 -16.59 -4.43
C CYS B 134 3.93 -15.93 -3.04
N GLY B 135 3.02 -14.97 -2.96
CA GLY B 135 2.79 -14.24 -1.71
C GLY B 135 3.77 -13.12 -1.45
N ARG B 136 4.66 -12.81 -2.40
CA ARG B 136 5.62 -11.73 -2.22
C ARG B 136 4.97 -10.38 -2.47
N VAL B 137 5.33 -9.38 -1.67
CA VAL B 137 4.77 -8.04 -1.83
C VAL B 137 5.40 -7.34 -3.01
N ILE B 138 4.61 -7.10 -4.05
CA ILE B 138 5.05 -6.40 -5.27
C ILE B 138 4.83 -4.89 -5.20
N GLY B 139 4.18 -4.40 -4.15
CA GLY B 139 3.96 -2.98 -3.97
C GLY B 139 2.85 -2.67 -2.98
N LEU B 140 2.61 -1.39 -2.69
CA LEU B 140 1.56 -0.94 -1.78
C LEU B 140 0.51 -0.15 -2.56
N TYR B 141 -0.76 -0.27 -2.11
CA TYR B 141 -1.96 0.34 -2.67
C TYR B 141 -2.28 1.60 -1.89
N GLY B 142 -2.63 2.69 -2.58
CA GLY B 142 -2.98 3.92 -1.90
C GLY B 142 -2.59 5.22 -2.57
N ASN B 143 -1.79 5.14 -3.64
CA ASN B 143 -1.44 6.35 -4.37
C ASN B 143 -1.76 6.18 -5.84
N GLY B 144 -2.69 7.00 -6.32
CA GLY B 144 -3.10 6.93 -7.70
C GLY B 144 -3.96 8.10 -8.13
N VAL B 145 -4.97 7.80 -8.93
CA VAL B 145 -5.78 8.85 -9.52
C VAL B 145 -7.30 8.58 -9.41
N VAL B 146 -8.09 9.65 -9.50
CA VAL B 146 -9.54 9.58 -9.45
C VAL B 146 -10.01 9.69 -10.88
N ILE B 147 -10.56 8.62 -11.45
CA ILE B 147 -10.98 8.63 -12.85
C ILE B 147 -12.34 9.33 -13.04
N LYS B 148 -12.73 9.61 -14.31
CA LYS B 148 -13.98 10.28 -14.70
C LYS B 148 -15.24 9.81 -13.96
N ASN B 149 -15.24 8.56 -13.50
CA ASN B 149 -16.36 7.96 -12.79
C ASN B 149 -16.48 8.54 -11.38
N GLY B 150 -15.36 8.61 -10.69
CA GLY B 150 -15.24 9.04 -9.30
C GLY B 150 -14.50 8.00 -8.46
N SER B 151 -14.32 6.78 -9.01
CA SER B 151 -13.62 5.67 -8.37
CA SER B 151 -13.62 5.69 -8.33
C SER B 151 -12.10 5.93 -8.36
N TYR B 152 -11.35 5.21 -7.51
CA TYR B 152 -9.92 5.36 -7.41
C TYR B 152 -9.22 4.25 -8.17
N VAL B 153 -8.14 4.58 -8.86
CA VAL B 153 -7.27 3.62 -9.52
C VAL B 153 -5.86 3.88 -8.95
N SER B 154 -5.35 2.94 -8.15
CA SER B 154 -4.06 3.09 -7.50
C SER B 154 -2.90 2.49 -8.27
N ALA B 155 -1.71 3.09 -8.16
CA ALA B 155 -0.50 2.51 -8.75
C ALA B 155 -0.07 1.31 -7.87
N ILE B 156 0.75 0.42 -8.43
CA ILE B 156 1.36 -0.64 -7.65
C ILE B 156 2.70 0.03 -7.27
N THR B 157 2.74 0.73 -6.12
CA THR B 157 3.93 1.49 -5.70
C THR B 157 4.97 0.62 -4.99
N GLN B 158 6.15 0.46 -5.59
CA GLN B 158 7.21 -0.36 -5.00
C GLN B 158 8.47 0.50 -4.75
N GLY B 159 9.12 0.26 -3.61
CA GLY B 159 10.36 0.94 -3.26
C GLY B 159 11.56 0.23 -3.85
N LYS B 160 12.77 0.67 -3.48
CA LYS B 160 13.99 0.07 -3.98
C LYS B 160 14.73 -0.58 -2.80
N ARG B 161 15.20 -1.83 -2.97
CA ARG B 161 15.96 -2.49 -1.92
C ARG B 161 17.45 -2.26 -2.21
N GLU B 162 18.09 -1.36 -1.43
CA GLU B 162 19.49 -0.96 -1.53
C GLU B 162 20.47 -2.14 -1.44
S DMS C . 6.31 14.82 11.74
O DMS C . 7.33 13.83 11.27
C1 DMS C . 5.86 14.43 13.45
C2 DMS C . 4.67 14.37 11.10
N1 A1B8Z D . -4.33 8.95 -1.34
N3 A1B8Z D . -8.31 9.49 -2.29
C4 A1B8Z D . -2.49 11.92 -0.05
C5 A1B8Z D . -1.34 11.85 -0.81
C6 A1B8Z D . -1.15 10.82 -1.73
C7 A1B8Z D . -2.15 9.87 -1.93
C8 A1B8Z D . 0.19 10.96 -2.38
C10 A1B8Z D . -6.58 7.98 -1.38
C13 A1B8Z D . -8.32 5.83 -1.81
C15 A1B8Z D . -7.84 8.18 -1.95
C17 A1B8Z D . -8.47 11.48 -3.14
O1 A1B8Z D . -6.10 10.18 -0.65
C1 A1B8Z D . -5.65 9.13 -1.07
C2 A1B8Z D . -3.31 9.92 -1.14
C3 A1B8Z D . -3.49 10.97 -0.24
N2 A1B8Z D . 0.54 12.36 -2.07
C9 A1B8Z D . -0.12 12.74 -0.80
C11 A1B8Z D . -6.20 6.67 -1.07
C12 A1B8Z D . -7.06 5.62 -1.28
CL1 A1B8Z D . -6.58 4.01 -0.85
C14 A1B8Z D . -8.72 7.11 -2.13
C16 A1B8Z D . -7.64 10.43 -3.04
N4 A1B8Z D . -9.65 11.23 -2.49
C18 A1B8Z D . -9.52 10.03 -2.00
#